data_6QOS
#
_entry.id   6QOS
#
_cell.length_a   74.913
_cell.length_b   81.357
_cell.length_c   84.754
_cell.angle_alpha   90.000
_cell.angle_beta   90.000
_cell.angle_gamma   90.000
#
_symmetry.space_group_name_H-M   'P 21 21 21'
#
loop_
_entity.id
_entity.type
_entity.pdbx_description
1 polymer 'tRNA (guanine-N(1)-)-methyltransferase'
2 non-polymer 'ethyl 1~{H}-pyrazole-4-carboxylate'
3 non-polymer 'SULFATE ION'
4 water water
#
_entity_poly.entity_id   1
_entity_poly.type   'polypeptide(L)'
_entity_poly.pdbx_seq_one_letter_code
;GSMKIDVVTIFPEYLQPVRQSLPGKAIDAGLVDVAVHDLRRWTHDVHKSVDDSPYGGGPGMVMKPTVWGDALDEICTSET
LLVVPTPAGYPFTQETAWQWSTEDHLVIACGRYEGIDQRVADDAATRMRVREVSIGDYVLNGGEAAALVIIEAVLRLVPG
VLGNALSAQEDSHSEGMASLLEGPSYTRPPSWRGMDVPPVLLSGDHAKIAAWRAEQSRQRTIERRPDLLGFDSPTGEHGG
DGLS
;
_entity_poly.pdbx_strand_id   A,B
#
# COMPACT_ATOMS: atom_id res chain seq x y z
N SER A 2 -18.14 18.27 3.30
CA SER A 2 -17.02 17.52 3.87
C SER A 2 -17.10 16.04 3.51
N MET A 3 -15.98 15.47 3.08
CA MET A 3 -15.94 14.07 2.62
C MET A 3 -16.19 13.10 3.77
N LYS A 4 -16.98 12.06 3.50
CA LYS A 4 -17.18 10.98 4.48
C LYS A 4 -16.55 9.68 3.96
N ILE A 5 -15.81 8.99 4.82
CA ILE A 5 -15.25 7.68 4.46
C ILE A 5 -15.69 6.65 5.49
N ASP A 6 -16.41 5.62 5.04
CA ASP A 6 -16.73 4.49 5.90
C ASP A 6 -15.86 3.29 5.54
N VAL A 7 -15.15 2.72 6.53
CA VAL A 7 -14.35 1.52 6.30
C VAL A 7 -14.95 0.33 7.05
N VAL A 8 -15.19 -0.78 6.34
CA VAL A 8 -15.78 -1.98 6.92
C VAL A 8 -14.77 -3.13 6.94
N THR A 9 -14.48 -3.68 8.12
CA THR A 9 -13.37 -4.61 8.31
C THR A 9 -13.61 -5.56 9.49
N ILE A 10 -12.99 -6.73 9.50
CA ILE A 10 -13.00 -7.54 10.72
C ILE A 10 -11.77 -7.23 11.59
N PHE A 11 -10.97 -6.25 11.18
CA PHE A 11 -9.84 -5.79 11.99
C PHE A 11 -9.96 -4.29 12.36
N PRO A 12 -10.98 -3.93 13.15
CA PRO A 12 -11.23 -2.51 13.47
C PRO A 12 -10.08 -1.80 14.21
N GLU A 13 -9.36 -2.48 15.10
CA GLU A 13 -8.28 -1.83 15.83
C GLU A 13 -7.15 -1.42 14.87
N TYR A 14 -6.77 -2.34 14.01
CA TYR A 14 -5.69 -2.13 13.05
C TYR A 14 -5.95 -0.89 12.18
N LEU A 15 -7.21 -0.69 11.78
CA LEU A 15 -7.58 0.46 10.96
C LEU A 15 -8.06 1.71 11.69
N GLN A 16 -8.02 1.72 13.02
CA GLN A 16 -8.44 2.91 13.75
C GLN A 16 -7.51 4.09 13.44
N PRO A 17 -8.09 5.27 13.10
CA PRO A 17 -7.30 6.47 12.83
C PRO A 17 -6.38 6.86 13.99
N VAL A 18 -5.21 7.38 13.65
CA VAL A 18 -4.21 7.82 14.61
C VAL A 18 -4.00 9.32 14.43
N ARG A 19 -4.04 10.08 15.53
CA ARG A 19 -3.89 11.54 15.45
C ARG A 19 -2.59 11.91 14.74
N GLN A 20 -1.50 11.26 15.14
CA GLN A 20 -0.19 11.55 14.55
C GLN A 20 -0.03 10.85 13.19
N SER A 21 -0.77 11.32 12.19
CA SER A 21 -0.66 10.84 10.81
C SER A 21 -1.32 11.86 9.87
N LEU A 22 -1.12 11.71 8.57
CA LEU A 22 -1.79 12.61 7.62
C LEU A 22 -3.33 12.50 7.70
N PRO A 23 -3.88 11.27 7.63
CA PRO A 23 -5.33 11.17 7.83
C PRO A 23 -5.81 11.75 9.17
N GLY A 24 -5.00 11.59 10.23
CA GLY A 24 -5.32 12.17 11.53
C GLY A 24 -5.34 13.69 11.53
N LYS A 25 -4.48 14.30 10.70
CA LYS A 25 -4.46 15.76 10.57
C LYS A 25 -5.72 16.25 9.85
N ALA A 26 -6.07 15.59 8.74
CA ALA A 26 -7.25 15.96 7.97
C ALA A 26 -8.53 15.90 8.83
N ILE A 27 -8.66 14.85 9.62
CA ILE A 27 -9.83 14.67 10.48
C ILE A 27 -9.94 15.80 11.51
N ASP A 28 -8.83 16.12 12.17
CA ASP A 28 -8.83 17.18 13.17
C ASP A 28 -8.94 18.57 12.54
N ALA A 29 -8.62 18.66 11.25
CA ALA A 29 -8.81 19.91 10.52
C ALA A 29 -10.24 20.03 10.01
N GLY A 30 -11.00 18.94 10.14
CA GLY A 30 -12.39 18.91 9.72
C GLY A 30 -12.59 18.85 8.21
N LEU A 31 -11.64 18.24 7.51
CA LEU A 31 -11.72 18.13 6.06
C LEU A 31 -12.26 16.76 5.63
N VAL A 32 -12.28 15.83 6.57
CA VAL A 32 -12.86 14.52 6.33
C VAL A 32 -13.37 13.96 7.67
N ASP A 33 -14.45 13.20 7.62
CA ASP A 33 -14.78 12.31 8.73
C ASP A 33 -14.61 10.87 8.30
N VAL A 34 -13.82 10.12 9.06
CA VAL A 34 -13.58 8.71 8.81
C VAL A 34 -14.24 7.85 9.88
N ALA A 35 -14.98 6.82 9.46
CA ALA A 35 -15.64 5.91 10.39
C ALA A 35 -15.26 4.46 10.10
N VAL A 36 -14.81 3.73 11.12
CA VAL A 36 -14.46 2.31 10.98
C VAL A 36 -15.52 1.41 11.61
N HIS A 37 -16.06 0.46 10.84
CA HIS A 37 -17.07 -0.46 11.34
C HIS A 37 -16.59 -1.91 11.36
N ASP A 38 -16.85 -2.61 12.46
CA ASP A 38 -16.54 -4.02 12.60
C ASP A 38 -17.59 -4.84 11.85
N LEU A 39 -17.16 -5.61 10.86
CA LEU A 39 -18.11 -6.40 10.05
C LEU A 39 -18.95 -7.35 10.92
N ARG A 40 -18.38 -7.80 12.04
CA ARG A 40 -19.06 -8.78 12.89
C ARG A 40 -20.37 -8.24 13.45
N ARG A 41 -20.52 -6.93 13.41
CA ARG A 41 -21.76 -6.25 13.79
C ARG A 41 -22.95 -6.78 12.98
N TRP A 42 -22.70 -7.24 11.75
CA TRP A 42 -23.78 -7.70 10.89
C TRP A 42 -23.84 -9.23 10.72
N THR A 43 -23.22 -9.99 11.62
CA THR A 43 -23.30 -11.45 11.57
C THR A 43 -24.60 -11.95 12.25
N HIS A 44 -24.95 -13.22 12.00
CA HIS A 44 -26.27 -13.73 12.37
C HIS A 44 -26.23 -14.71 13.55
N ASP A 45 -25.10 -15.39 13.70
CA ASP A 45 -24.98 -16.50 14.64
C ASP A 45 -24.09 -16.14 15.82
N VAL A 46 -24.03 -17.04 16.80
CA VAL A 46 -23.24 -16.81 18.00
C VAL A 46 -21.72 -16.79 17.67
N HIS A 47 -21.30 -17.61 16.71
CA HIS A 47 -19.89 -17.63 16.31
C HIS A 47 -19.43 -16.38 15.54
N LYS A 48 -20.36 -15.49 15.23
CA LYS A 48 -20.05 -14.28 14.46
C LYS A 48 -19.36 -14.64 13.15
N SER A 49 -19.92 -15.63 12.44
CA SER A 49 -19.34 -16.15 11.21
C SER A 49 -19.37 -15.16 10.03
N VAL A 50 -18.20 -14.90 9.44
CA VAL A 50 -18.07 -14.01 8.27
C VAL A 50 -17.63 -14.70 6.98
N ASP A 51 -17.22 -15.96 7.04
CA ASP A 51 -16.92 -16.71 5.81
C ASP A 51 -17.35 -18.17 5.89
N ASP A 52 -17.15 -18.88 4.78
CA ASP A 52 -17.70 -20.22 4.58
C ASP A 52 -16.93 -20.84 3.42
N SER A 53 -17.05 -22.15 3.24
CA SER A 53 -16.24 -22.85 2.24
C SER A 53 -16.65 -22.49 0.81
N PRO A 54 -15.68 -22.49 -0.12
CA PRO A 54 -15.96 -22.11 -1.51
C PRO A 54 -16.74 -23.19 -2.26
N TYR A 55 -17.79 -22.79 -2.98
CA TYR A 55 -18.45 -23.71 -3.89
C TYR A 55 -17.44 -24.11 -4.94
N GLY A 56 -17.40 -25.39 -5.31
CA GLY A 56 -16.44 -25.87 -6.28
C GLY A 56 -15.18 -26.38 -5.60
N GLY A 57 -15.06 -26.09 -4.30
CA GLY A 57 -13.92 -26.55 -3.53
C GLY A 57 -12.72 -25.65 -3.68
N GLY A 58 -11.62 -26.02 -3.02
CA GLY A 58 -10.43 -25.21 -3.02
C GLY A 58 -10.04 -24.78 -1.62
N PRO A 59 -8.88 -24.14 -1.48
CA PRO A 59 -8.35 -23.70 -0.18
C PRO A 59 -8.95 -22.37 0.24
N GLY A 60 -8.73 -22.00 1.50
CA GLY A 60 -9.20 -20.74 2.01
C GLY A 60 -10.72 -20.74 2.14
N MET A 61 -11.26 -19.56 2.43
CA MET A 61 -12.69 -19.37 2.63
C MET A 61 -13.16 -18.14 1.84
N VAL A 62 -14.46 -18.03 1.65
CA VAL A 62 -15.08 -16.96 0.88
C VAL A 62 -16.05 -16.20 1.79
N MET A 63 -16.05 -14.87 1.76
CA MET A 63 -16.90 -14.10 2.71
C MET A 63 -18.37 -14.19 2.33
N LYS A 64 -19.23 -14.37 3.35
CA LYS A 64 -20.67 -14.63 3.19
C LYS A 64 -21.44 -13.45 2.59
N PRO A 65 -22.30 -13.71 1.60
CA PRO A 65 -23.11 -12.66 0.99
C PRO A 65 -24.22 -12.08 1.91
N THR A 66 -24.81 -12.90 2.76
CA THR A 66 -25.87 -12.42 3.64
C THR A 66 -25.33 -11.42 4.67
N VAL A 67 -24.08 -11.61 5.07
CA VAL A 67 -23.47 -10.71 6.05
C VAL A 67 -23.04 -9.39 5.40
N TRP A 68 -22.29 -9.46 4.30
CA TRP A 68 -21.88 -8.22 3.62
C TRP A 68 -23.09 -7.48 3.06
N GLY A 69 -24.10 -8.24 2.65
CA GLY A 69 -25.33 -7.68 2.12
C GLY A 69 -26.03 -6.74 3.10
N ASP A 70 -26.17 -7.18 4.35
CA ASP A 70 -26.79 -6.37 5.39
C ASP A 70 -25.94 -5.14 5.74
N ALA A 71 -24.63 -5.33 5.78
CA ALA A 71 -23.73 -4.24 6.17
C ALA A 71 -23.79 -3.10 5.14
N LEU A 72 -23.75 -3.44 3.87
CA LEU A 72 -23.79 -2.42 2.81
C LEU A 72 -25.17 -1.78 2.65
N ASP A 73 -26.24 -2.52 2.93
CA ASP A 73 -27.59 -1.95 2.95
C ASP A 73 -27.67 -0.79 3.95
N GLU A 74 -27.07 -0.99 5.12
CA GLU A 74 -27.06 0.02 6.17
C GLU A 74 -26.14 1.20 5.87
N ILE A 75 -24.93 0.93 5.41
CA ILE A 75 -23.92 1.96 5.21
C ILE A 75 -24.11 2.80 3.92
N CYS A 76 -24.41 2.14 2.81
CA CYS A 76 -24.38 2.81 1.51
C CYS A 76 -25.66 3.53 1.14
N THR A 77 -25.55 4.57 0.33
CA THR A 77 -26.72 5.16 -0.32
C THR A 77 -26.48 5.18 -1.83
N SER A 78 -27.46 5.65 -2.60
CA SER A 78 -27.29 5.69 -4.06
C SER A 78 -26.14 6.59 -4.50
N GLU A 79 -25.74 7.54 -3.65
CA GLU A 79 -24.63 8.46 -3.96
C GLU A 79 -23.26 7.85 -3.62
N THR A 80 -23.26 6.69 -2.98
CA THR A 80 -22.03 6.05 -2.54
C THR A 80 -21.13 5.57 -3.71
N LEU A 81 -19.82 5.78 -3.58
CA LEU A 81 -18.86 5.09 -4.43
C LEU A 81 -18.22 3.98 -3.59
N LEU A 82 -18.51 2.73 -3.95
CA LEU A 82 -18.07 1.57 -3.17
C LEU A 82 -16.74 1.05 -3.70
N VAL A 83 -15.74 0.99 -2.82
CA VAL A 83 -14.39 0.59 -3.21
C VAL A 83 -14.07 -0.78 -2.64
N VAL A 84 -13.64 -1.71 -3.50
CA VAL A 84 -13.29 -3.06 -3.06
C VAL A 84 -11.87 -3.42 -3.47
N PRO A 85 -10.91 -3.37 -2.53
CA PRO A 85 -9.56 -3.81 -2.89
C PRO A 85 -9.49 -5.31 -3.11
N THR A 86 -8.81 -5.69 -4.19
CA THR A 86 -8.64 -7.09 -4.56
C THR A 86 -7.49 -7.20 -5.55
N PRO A 87 -6.71 -8.29 -5.45
CA PRO A 87 -5.65 -8.57 -6.44
C PRO A 87 -6.20 -8.70 -7.85
N ALA A 88 -7.50 -8.96 -8.00
CA ALA A 88 -8.11 -9.11 -9.32
C ALA A 88 -8.70 -7.82 -9.86
N GLY A 89 -8.40 -6.70 -9.21
CA GLY A 89 -9.01 -5.43 -9.56
C GLY A 89 -8.40 -4.71 -10.75
N TYR A 90 -9.10 -3.66 -11.23
CA TYR A 90 -8.52 -2.71 -12.18
C TYR A 90 -7.41 -1.97 -11.44
N PRO A 91 -6.36 -1.53 -12.15
CA PRO A 91 -5.26 -0.87 -11.41
C PRO A 91 -5.69 0.45 -10.78
N PHE A 92 -5.33 0.66 -9.51
CA PHE A 92 -5.50 1.94 -8.83
C PHE A 92 -4.29 2.81 -9.16
N THR A 93 -4.52 3.96 -9.80
CA THR A 93 -3.44 4.87 -10.19
C THR A 93 -3.62 6.29 -9.67
N GLN A 94 -2.64 7.16 -9.95
CA GLN A 94 -2.74 8.55 -9.51
C GLN A 94 -3.98 9.23 -10.11
N GLU A 95 -4.32 8.86 -11.33
CA GLU A 95 -5.53 9.37 -11.97
C GLU A 95 -6.77 8.98 -11.16
N THR A 96 -6.81 7.73 -10.68
CA THR A 96 -7.95 7.26 -9.88
C THR A 96 -8.08 8.07 -8.59
N ALA A 97 -6.95 8.33 -7.94
CA ALA A 97 -6.93 9.07 -6.69
C ALA A 97 -7.49 10.47 -6.89
N TRP A 98 -7.14 11.11 -8.01
CA TRP A 98 -7.63 12.46 -8.30
C TRP A 98 -9.15 12.44 -8.46
N GLN A 99 -9.67 11.49 -9.23
CA GLN A 99 -11.12 11.33 -9.39
C GLN A 99 -11.86 11.15 -8.06
N TRP A 100 -11.37 10.27 -7.21
CA TRP A 100 -12.07 9.94 -5.97
C TRP A 100 -11.93 11.08 -4.94
N SER A 101 -10.97 11.98 -5.15
CA SER A 101 -10.73 13.05 -4.18
C SER A 101 -11.86 14.07 -4.08
N THR A 102 -12.74 14.09 -5.08
CA THR A 102 -13.87 15.02 -5.09
C THR A 102 -15.20 14.33 -4.78
N GLU A 103 -15.17 13.04 -4.43
CA GLU A 103 -16.37 12.30 -4.05
C GLU A 103 -16.92 12.67 -2.68
N ASP A 104 -18.25 12.57 -2.52
CA ASP A 104 -18.91 12.93 -1.25
C ASP A 104 -18.83 11.81 -0.20
N HIS A 105 -18.96 10.56 -0.66
CA HIS A 105 -19.02 9.39 0.23
C HIS A 105 -18.28 8.23 -0.40
N LEU A 106 -17.16 7.83 0.22
CA LEU A 106 -16.47 6.60 -0.14
C LEU A 106 -16.73 5.52 0.91
N VAL A 107 -17.07 4.31 0.47
CA VAL A 107 -17.15 3.17 1.36
C VAL A 107 -16.15 2.11 0.92
N ILE A 108 -15.24 1.73 1.80
CA ILE A 108 -14.22 0.76 1.47
C ILE A 108 -14.45 -0.57 2.15
N ALA A 109 -14.73 -1.60 1.35
CA ALA A 109 -15.03 -2.94 1.87
C ALA A 109 -13.79 -3.82 1.90
N CYS A 110 -13.24 -4.04 3.10
CA CYS A 110 -12.04 -4.88 3.26
C CYS A 110 -12.38 -6.35 3.53
N GLY A 111 -11.91 -7.23 2.66
CA GLY A 111 -12.10 -8.66 2.83
C GLY A 111 -10.79 -9.43 2.70
N ARG A 112 -10.85 -10.74 2.93
CA ARG A 112 -9.69 -11.60 2.80
C ARG A 112 -9.39 -11.80 1.31
N TYR A 113 -8.16 -12.19 0.98
CA TYR A 113 -7.78 -12.12 -0.43
C TYR A 113 -8.52 -13.14 -1.31
N GLU A 114 -8.96 -14.25 -0.71
CA GLU A 114 -9.73 -15.28 -1.43
C GLU A 114 -11.00 -14.68 -2.02
N GLY A 115 -11.53 -13.65 -1.37
CA GLY A 115 -12.60 -12.86 -1.93
C GLY A 115 -13.91 -12.80 -1.15
N ILE A 116 -14.75 -11.87 -1.56
CA ILE A 116 -16.14 -11.77 -1.12
C ILE A 116 -17.03 -12.39 -2.20
N ASP A 117 -18.01 -13.20 -1.80
CA ASP A 117 -19.03 -13.74 -2.72
C ASP A 117 -19.38 -12.71 -3.80
N GLN A 118 -19.22 -13.10 -5.07
CA GLN A 118 -19.29 -12.15 -6.18
C GLN A 118 -20.64 -11.45 -6.29
N ARG A 119 -21.68 -12.07 -5.75
CA ARG A 119 -23.01 -11.51 -5.86
C ARG A 119 -23.18 -10.24 -5.04
N VAL A 120 -22.34 -10.06 -4.03
CA VAL A 120 -22.39 -8.83 -3.25
C VAL A 120 -22.12 -7.61 -4.15
N ALA A 121 -21.05 -7.68 -4.93
CA ALA A 121 -20.69 -6.58 -5.82
C ALA A 121 -21.67 -6.46 -6.97
N ASP A 122 -22.10 -7.60 -7.50
CA ASP A 122 -23.04 -7.59 -8.62
C ASP A 122 -24.37 -6.93 -8.19
N ASP A 123 -24.88 -7.32 -7.03
CA ASP A 123 -26.08 -6.70 -6.47
C ASP A 123 -25.92 -5.21 -6.21
N ALA A 124 -24.84 -4.83 -5.55
CA ALA A 124 -24.58 -3.43 -5.23
C ALA A 124 -24.55 -2.56 -6.50
N ALA A 125 -23.99 -3.11 -7.59
CA ALA A 125 -23.78 -2.34 -8.83
C ALA A 125 -25.09 -2.01 -9.55
N THR A 126 -26.20 -2.58 -9.08
CA THR A 126 -27.48 -2.27 -9.69
C THR A 126 -28.13 -1.01 -9.08
N ARG A 127 -27.57 -0.49 -7.99
CA ARG A 127 -28.11 0.75 -7.42
C ARG A 127 -27.04 1.77 -6.96
N MET A 128 -25.76 1.46 -7.17
CA MET A 128 -24.68 2.41 -6.85
C MET A 128 -23.47 2.13 -7.70
N ARG A 129 -22.49 3.04 -7.67
CA ARG A 129 -21.25 2.84 -8.42
C ARG A 129 -20.26 1.98 -7.64
N VAL A 130 -19.72 0.95 -8.28
CA VAL A 130 -18.82 0.02 -7.61
C VAL A 130 -17.47 -0.07 -8.34
N ARG A 131 -16.36 -0.03 -7.60
CA ARG A 131 -15.02 -0.14 -8.20
C ARG A 131 -14.14 -1.17 -7.49
N GLU A 132 -13.85 -2.28 -8.16
CA GLU A 132 -12.84 -3.24 -7.70
C GLU A 132 -11.43 -2.87 -8.19
N VAL A 133 -10.49 -2.71 -7.26
CA VAL A 133 -9.17 -2.19 -7.63
C VAL A 133 -8.02 -2.92 -6.94
N SER A 134 -6.93 -3.04 -7.66
CA SER A 134 -5.65 -3.56 -7.14
C SER A 134 -4.64 -2.42 -6.96
N ILE A 135 -3.97 -2.38 -5.81
CA ILE A 135 -2.96 -1.33 -5.59
C ILE A 135 -1.54 -1.79 -5.99
N GLY A 136 -1.41 -3.02 -6.50
CA GLY A 136 -0.12 -3.54 -6.94
C GLY A 136 -0.10 -5.05 -7.04
N ASP A 137 0.92 -5.60 -7.69
CA ASP A 137 0.98 -7.04 -7.95
C ASP A 137 1.72 -7.85 -6.89
N TYR A 138 1.05 -7.99 -5.75
CA TYR A 138 1.50 -8.80 -4.63
C TYR A 138 0.25 -9.25 -3.89
N VAL A 139 0.41 -10.23 -3.02
CA VAL A 139 -0.70 -10.75 -2.25
C VAL A 139 -0.61 -10.32 -0.78
N LEU A 140 -1.69 -9.70 -0.31
CA LEU A 140 -1.91 -9.44 1.12
C LEU A 140 -2.96 -10.42 1.66
N ASN A 141 -2.91 -10.74 2.96
CA ASN A 141 -3.91 -11.63 3.54
C ASN A 141 -5.31 -11.05 3.48
N GLY A 142 -5.41 -9.73 3.49
CA GLY A 142 -6.70 -9.05 3.46
C GLY A 142 -6.56 -7.62 2.92
N GLY A 143 -7.68 -6.98 2.60
CA GLY A 143 -7.63 -5.67 1.98
C GLY A 143 -7.27 -4.48 2.88
N GLU A 144 -7.07 -4.73 4.18
CA GLU A 144 -6.86 -3.67 5.17
C GLU A 144 -5.70 -2.69 4.83
N ALA A 145 -4.50 -3.22 4.59
CA ALA A 145 -3.34 -2.36 4.27
C ALA A 145 -3.55 -1.60 2.97
N ALA A 146 -4.22 -2.22 1.99
CA ALA A 146 -4.58 -1.56 0.74
C ALA A 146 -5.54 -0.38 0.96
N ALA A 147 -6.48 -0.53 1.89
CA ALA A 147 -7.38 0.57 2.23
C ALA A 147 -6.62 1.77 2.82
N LEU A 148 -5.64 1.51 3.68
CA LEU A 148 -4.83 2.60 4.24
C LEU A 148 -4.09 3.36 3.12
N VAL A 149 -3.55 2.61 2.17
CA VAL A 149 -2.84 3.22 1.03
C VAL A 149 -3.80 4.09 0.19
N ILE A 150 -4.98 3.55 -0.12
CA ILE A 150 -5.96 4.28 -0.94
C ILE A 150 -6.41 5.56 -0.23
N ILE A 151 -6.65 5.47 1.08
CA ILE A 151 -7.05 6.64 1.87
C ILE A 151 -5.93 7.70 1.90
N GLU A 152 -4.70 7.23 2.03
CA GLU A 152 -3.52 8.11 2.04
C GLU A 152 -3.37 8.87 0.69
N ALA A 153 -3.44 8.15 -0.43
CA ALA A 153 -3.31 8.74 -1.77
C ALA A 153 -4.45 9.73 -2.07
N VAL A 154 -5.67 9.40 -1.68
CA VAL A 154 -6.81 10.29 -1.94
C VAL A 154 -6.83 11.55 -1.05
N LEU A 155 -6.57 11.40 0.25
CA LEU A 155 -6.75 12.52 1.17
C LEU A 155 -5.74 13.65 0.96
N ARG A 156 -4.50 13.31 0.60
CA ARG A 156 -3.47 14.34 0.39
C ARG A 156 -3.81 15.23 -0.82
N LEU A 157 -4.77 14.81 -1.64
CA LEU A 157 -5.24 15.61 -2.77
C LEU A 157 -6.46 16.49 -2.43
N VAL A 158 -6.99 16.36 -1.21
CA VAL A 158 -8.11 17.21 -0.79
C VAL A 158 -7.58 18.57 -0.38
N PRO A 159 -8.17 19.65 -0.93
CA PRO A 159 -7.70 20.99 -0.57
C PRO A 159 -7.71 21.23 0.94
N GLY A 160 -6.57 21.64 1.49
CA GLY A 160 -6.48 21.99 2.90
C GLY A 160 -5.62 21.09 3.78
N VAL A 161 -5.35 19.87 3.34
CA VAL A 161 -4.61 18.94 4.16
C VAL A 161 -3.09 19.07 3.98
N SER A 179 4.67 9.66 -17.31
CA SER A 179 5.83 10.55 -17.38
C SER A 179 7.09 9.82 -16.91
N LEU A 180 8.05 10.57 -16.38
CA LEU A 180 9.30 10.00 -15.91
C LEU A 180 9.37 9.98 -14.37
N LEU A 181 10.34 9.25 -13.83
CA LEU A 181 10.57 9.22 -12.38
C LEU A 181 11.24 10.52 -11.93
N GLU A 182 10.94 10.98 -10.71
CA GLU A 182 11.69 12.08 -10.10
C GLU A 182 13.13 11.65 -9.80
N GLY A 183 14.09 12.55 -10.05
CA GLY A 183 15.50 12.29 -9.77
C GLY A 183 15.85 12.47 -8.30
N PRO A 184 17.16 12.42 -7.98
CA PRO A 184 17.64 12.63 -6.60
C PRO A 184 17.40 14.07 -6.10
N SER A 185 17.23 14.19 -4.79
CA SER A 185 17.08 15.50 -4.15
CA SER A 185 17.08 15.50 -4.15
C SER A 185 18.11 15.67 -3.05
N TYR A 186 18.38 16.92 -2.68
CA TYR A 186 19.42 17.23 -1.71
C TYR A 186 19.00 18.43 -0.87
N THR A 187 19.56 18.53 0.33
CA THR A 187 19.46 19.71 1.15
C THR A 187 20.75 19.85 1.94
N ARG A 188 20.78 20.76 2.91
CA ARG A 188 22.01 21.08 3.65
C ARG A 188 22.45 19.90 4.52
N PRO A 189 23.77 19.77 4.79
CA PRO A 189 24.90 20.61 4.38
C PRO A 189 25.39 20.35 2.93
N PRO A 190 26.12 21.32 2.34
CA PRO A 190 26.67 21.20 0.98
C PRO A 190 27.58 19.97 0.84
N SER A 191 28.35 19.69 1.89
CA SER A 191 29.25 18.53 1.92
CA SER A 191 29.25 18.53 1.94
C SER A 191 28.92 17.64 3.13
N TRP A 192 28.84 16.32 2.90
CA TRP A 192 28.50 15.37 3.96
C TRP A 192 29.12 13.99 3.72
N ARG A 193 29.93 13.56 4.67
CA ARG A 193 30.60 12.25 4.63
C ARG A 193 31.33 12.02 3.30
N GLY A 194 32.00 13.05 2.79
CA GLY A 194 32.76 12.95 1.55
C GLY A 194 31.96 13.13 0.27
N MET A 195 30.69 13.52 0.40
CA MET A 195 29.83 13.67 -0.77
C MET A 195 29.26 15.10 -0.88
N ASP A 196 29.43 15.72 -2.05
CA ASP A 196 28.98 17.09 -2.28
C ASP A 196 27.68 17.12 -3.08
N VAL A 197 26.78 18.04 -2.73
CA VAL A 197 25.61 18.31 -3.55
C VAL A 197 26.11 18.70 -4.94
N PRO A 198 25.45 18.20 -6.02
CA PRO A 198 25.91 18.57 -7.37
C PRO A 198 25.94 20.09 -7.58
N PRO A 199 27.11 20.64 -7.93
CA PRO A 199 27.39 22.08 -8.01
C PRO A 199 26.34 22.87 -8.81
N VAL A 200 25.80 22.28 -9.87
CA VAL A 200 24.84 22.98 -10.71
C VAL A 200 23.59 23.46 -9.94
N LEU A 201 23.24 22.77 -8.86
CA LEU A 201 22.06 23.13 -8.09
C LEU A 201 22.28 24.41 -7.28
N LEU A 202 23.52 24.80 -7.10
CA LEU A 202 23.83 26.02 -6.35
C LEU A 202 24.30 27.12 -7.31
N SER A 203 24.14 26.87 -8.61
CA SER A 203 24.67 27.77 -9.65
C SER A 203 23.85 29.05 -9.86
N GLY A 204 22.55 29.02 -9.59
CA GLY A 204 21.69 30.16 -9.87
C GLY A 204 21.23 30.23 -11.33
N ASP A 205 21.50 29.18 -12.09
CA ASP A 205 21.09 29.10 -13.50
C ASP A 205 19.90 28.15 -13.60
N HIS A 206 18.69 28.70 -13.50
CA HIS A 206 17.55 27.85 -13.27
C HIS A 206 17.08 27.13 -14.54
N ALA A 207 17.39 27.67 -15.72
CA ALA A 207 17.16 26.92 -16.95
C ALA A 207 18.07 25.67 -17.02
N LYS A 208 19.36 25.85 -16.76
CA LYS A 208 20.28 24.70 -16.71
C LYS A 208 19.89 23.68 -15.63
N ILE A 209 19.34 24.16 -14.52
CA ILE A 209 18.93 23.25 -13.44
C ILE A 209 17.77 22.38 -13.92
N ALA A 210 16.80 22.98 -14.62
CA ALA A 210 15.67 22.20 -15.12
C ALA A 210 16.13 21.15 -16.16
N ALA A 211 17.07 21.52 -17.03
CA ALA A 211 17.62 20.57 -18.01
C ALA A 211 18.40 19.42 -17.33
N TRP A 212 19.19 19.73 -16.31
CA TRP A 212 19.94 18.70 -15.56
C TRP A 212 18.99 17.71 -14.84
N ARG A 213 17.92 18.24 -14.27
CA ARG A 213 16.93 17.42 -13.58
C ARG A 213 16.16 16.51 -14.56
N ALA A 214 15.87 17.00 -15.76
CA ALA A 214 15.25 16.17 -16.78
C ALA A 214 16.17 15.00 -17.21
N GLU A 215 17.46 15.27 -17.37
CA GLU A 215 18.38 14.19 -17.75
C GLU A 215 18.56 13.14 -16.65
N GLN A 216 18.57 13.59 -15.39
CA GLN A 216 18.60 12.69 -14.23
C GLN A 216 17.37 11.80 -14.19
N SER A 217 16.22 12.42 -14.43
CA SER A 217 14.94 11.73 -14.52
CA SER A 217 14.95 11.71 -14.51
C SER A 217 14.96 10.66 -15.61
N ARG A 218 15.49 11.03 -16.78
CA ARG A 218 15.56 10.11 -17.90
C ARG A 218 16.42 8.88 -17.54
N GLN A 219 17.61 9.13 -17.01
CA GLN A 219 18.53 8.03 -16.67
C GLN A 219 17.96 7.13 -15.57
N ARG A 220 17.32 7.72 -14.56
CA ARG A 220 16.78 6.92 -13.46
C ARG A 220 15.60 6.07 -13.96
N THR A 221 14.81 6.61 -14.90
CA THR A 221 13.67 5.88 -15.44
C THR A 221 14.13 4.69 -16.31
N ILE A 222 15.15 4.92 -17.15
CA ILE A 222 15.79 3.84 -17.92
C ILE A 222 16.26 2.69 -17.02
N GLU A 223 16.96 3.03 -15.94
CA GLU A 223 17.50 2.02 -15.03
C GLU A 223 16.45 1.28 -14.17
N ARG A 224 15.45 1.99 -13.64
CA ARG A 224 14.54 1.40 -12.64
C ARG A 224 13.16 1.01 -13.16
N ARG A 225 12.67 1.74 -14.17
CA ARG A 225 11.34 1.50 -14.71
C ARG A 225 11.30 1.60 -16.24
N PRO A 226 12.10 0.76 -16.95
CA PRO A 226 12.17 0.88 -18.41
C PRO A 226 10.81 0.67 -19.08
N ASP A 227 9.86 0.10 -18.32
CA ASP A 227 8.51 -0.11 -18.82
C ASP A 227 7.81 1.22 -19.12
N LEU A 228 8.24 2.30 -18.48
CA LEU A 228 7.59 3.60 -18.67
C LEU A 228 8.02 4.29 -19.97
N LEU A 229 8.78 3.58 -20.79
CA LEU A 229 9.21 4.10 -22.09
C LEU A 229 8.76 3.18 -23.22
N SER B 2 14.79 -16.28 14.26
CA SER B 2 13.63 -15.38 14.11
C SER B 2 14.02 -14.10 13.35
N MET B 3 13.14 -13.67 12.43
CA MET B 3 13.37 -12.48 11.62
C MET B 3 13.18 -11.20 12.44
N LYS B 4 14.03 -10.21 12.20
CA LYS B 4 13.92 -8.91 12.86
C LYS B 4 13.62 -7.82 11.84
N ILE B 5 12.57 -7.05 12.10
CA ILE B 5 12.19 -5.90 11.28
C ILE B 5 12.24 -4.60 12.10
N ASP B 6 13.10 -3.67 11.69
CA ASP B 6 13.12 -2.32 12.27
C ASP B 6 12.54 -1.29 11.31
N VAL B 7 11.61 -0.47 11.80
CA VAL B 7 11.03 0.61 11.01
C VAL B 7 11.43 1.97 11.60
N VAL B 8 11.81 2.92 10.75
CA VAL B 8 12.21 4.25 11.24
C VAL B 8 11.31 5.32 10.61
N THR B 9 10.71 6.14 11.46
CA THR B 9 9.65 7.06 11.02
C THR B 9 9.52 8.25 11.96
N ILE B 10 8.96 9.36 11.48
CA ILE B 10 8.61 10.46 12.39
C ILE B 10 7.17 10.31 12.88
N PHE B 11 6.49 9.24 12.45
CA PHE B 11 5.15 8.94 12.94
C PHE B 11 5.11 7.59 13.64
N PRO B 12 5.80 7.46 14.79
CA PRO B 12 5.90 6.16 15.45
C PRO B 12 4.53 5.58 15.88
N GLU B 13 3.58 6.41 16.31
CA GLU B 13 2.30 5.88 16.79
C GLU B 13 1.54 5.20 15.65
N TYR B 14 1.70 5.74 14.44
CA TYR B 14 1.01 5.24 13.26
C TYR B 14 1.39 3.79 12.95
N LEU B 15 2.68 3.46 13.12
CA LEU B 15 3.19 2.15 12.72
C LEU B 15 3.36 1.15 13.86
N GLN B 16 2.95 1.52 15.07
CA GLN B 16 3.06 0.58 16.19
C GLN B 16 2.20 -0.64 15.89
N PRO B 17 2.80 -1.83 16.06
CA PRO B 17 2.12 -3.12 15.78
C PRO B 17 0.83 -3.29 16.59
N VAL B 18 -0.14 -4.00 16.01
CA VAL B 18 -1.44 -4.20 16.63
C VAL B 18 -1.68 -5.71 16.72
N ARG B 19 -2.03 -6.19 17.93
CA ARG B 19 -2.19 -7.62 18.20
C ARG B 19 -3.10 -8.34 17.21
N GLN B 20 -4.26 -7.75 16.94
CA GLN B 20 -5.24 -8.33 16.03
C GLN B 20 -4.96 -7.92 14.58
N SER B 21 -4.01 -8.61 13.98
CA SER B 21 -3.60 -8.43 12.58
C SER B 21 -2.64 -9.57 12.20
N LEU B 22 -2.36 -9.73 10.90
CA LEU B 22 -1.42 -10.79 10.49
C LEU B 22 -0.03 -10.58 11.12
N PRO B 23 0.54 -9.35 11.01
CA PRO B 23 1.84 -9.20 11.70
C PRO B 23 1.75 -9.38 13.22
N GLY B 24 0.61 -9.00 13.82
CA GLY B 24 0.39 -9.21 15.25
C GLY B 24 0.44 -10.66 15.67
N LYS B 25 -0.07 -11.54 14.82
CA LYS B 25 -0.04 -12.98 15.07
C LYS B 25 1.37 -13.55 14.92
N ALA B 26 2.05 -13.12 13.86
CA ALA B 26 3.43 -13.52 13.61
C ALA B 26 4.30 -13.24 14.84
N ILE B 27 4.16 -12.04 15.37
CA ILE B 27 4.95 -11.61 16.53
C ILE B 27 4.63 -12.53 17.71
N ASP B 28 3.35 -12.87 17.87
CA ASP B 28 2.92 -13.70 19.00
C ASP B 28 3.32 -15.17 18.85
N ALA B 29 3.40 -15.65 17.62
CA ALA B 29 3.92 -16.99 17.36
C ALA B 29 5.45 -17.00 17.54
N GLY B 30 6.02 -15.83 17.80
CA GLY B 30 7.44 -15.70 18.06
C GLY B 30 8.29 -15.77 16.81
N LEU B 31 7.65 -15.60 15.66
CA LEU B 31 8.34 -15.79 14.39
C LEU B 31 8.97 -14.50 13.87
N VAL B 32 8.61 -13.36 14.46
CA VAL B 32 9.22 -12.09 14.05
C VAL B 32 9.30 -11.10 15.22
N ASP B 33 10.31 -10.24 15.20
CA ASP B 33 10.41 -9.12 16.15
C ASP B 33 10.30 -7.82 15.37
N VAL B 34 9.26 -7.03 15.63
CA VAL B 34 9.12 -5.72 14.97
C VAL B 34 9.29 -4.58 15.97
N ALA B 35 10.31 -3.75 15.74
CA ALA B 35 10.55 -2.57 16.57
C ALA B 35 10.38 -1.27 15.75
N VAL B 36 9.74 -0.28 16.36
CA VAL B 36 9.52 1.01 15.71
C VAL B 36 10.34 2.10 16.40
N HIS B 37 10.99 2.96 15.60
CA HIS B 37 11.87 4.00 16.13
C HIS B 37 11.50 5.38 15.64
N ASP B 38 11.36 6.31 16.58
CA ASP B 38 11.18 7.73 16.29
C ASP B 38 12.49 8.35 15.76
N LEU B 39 12.51 8.70 14.48
CA LEU B 39 13.64 9.37 13.86
C LEU B 39 14.17 10.55 14.68
N ARG B 40 13.29 11.22 15.41
CA ARG B 40 13.68 12.42 16.16
C ARG B 40 14.57 12.12 17.34
N ARG B 41 14.73 10.84 17.68
CA ARG B 41 15.63 10.45 18.77
CA ARG B 41 15.63 10.45 18.77
C ARG B 41 17.07 10.79 18.45
N TRP B 42 17.38 10.95 17.16
CA TRP B 42 18.76 11.24 16.73
C TRP B 42 18.98 12.71 16.36
N THR B 43 18.10 13.59 16.82
CA THR B 43 18.26 15.03 16.61
C THR B 43 18.90 15.70 17.83
N HIS B 44 19.50 16.87 17.62
CA HIS B 44 20.23 17.56 18.69
C HIS B 44 19.59 18.90 19.10
N ASP B 45 19.05 19.63 18.13
CA ASP B 45 18.47 20.95 18.37
C ASP B 45 17.16 20.89 19.15
N VAL B 46 16.79 22.00 19.79
CA VAL B 46 15.57 22.10 20.58
C VAL B 46 14.32 21.80 19.75
N HIS B 47 14.23 22.41 18.57
CA HIS B 47 13.07 22.27 17.70
C HIS B 47 13.04 20.93 16.96
N LYS B 48 14.10 20.13 17.12
CA LYS B 48 14.20 18.76 16.59
C LYS B 48 13.91 18.64 15.08
N SER B 49 14.62 19.43 14.28
CA SER B 49 14.31 19.52 12.85
C SER B 49 14.83 18.32 12.05
N VAL B 50 14.00 17.81 11.15
CA VAL B 50 14.44 16.66 10.35
C VAL B 50 14.48 16.97 8.84
N ASP B 51 13.97 18.12 8.42
CA ASP B 51 14.11 18.46 7.00
C ASP B 51 14.38 19.94 6.71
N ASP B 52 14.55 20.26 5.43
CA ASP B 52 14.94 21.59 4.99
C ASP B 52 14.62 21.77 3.51
N SER B 53 14.61 23.02 3.03
CA SER B 53 14.28 23.31 1.64
C SER B 53 15.32 22.70 0.70
N PRO B 54 14.86 22.27 -0.49
CA PRO B 54 15.72 21.60 -1.48
C PRO B 54 16.73 22.54 -2.14
N TYR B 55 17.95 22.04 -2.24
CA TYR B 55 18.95 22.68 -3.07
C TYR B 55 18.48 22.70 -4.52
N GLY B 56 18.62 23.84 -5.19
CA GLY B 56 18.19 23.97 -6.56
C GLY B 56 16.73 24.37 -6.76
N GLY B 57 15.99 24.48 -5.66
CA GLY B 57 14.61 24.94 -5.70
C GLY B 57 13.59 23.82 -5.81
N GLY B 58 12.31 24.18 -5.73
CA GLY B 58 11.23 23.23 -5.86
C GLY B 58 10.32 23.21 -4.65
N PRO B 59 9.23 22.44 -4.71
CA PRO B 59 8.21 22.43 -3.65
C PRO B 59 8.57 21.51 -2.49
N GLY B 60 8.02 21.82 -1.31
CA GLY B 60 8.15 20.95 -0.15
C GLY B 60 9.54 20.98 0.47
N MET B 61 9.89 19.89 1.15
CA MET B 61 11.13 19.82 1.92
C MET B 61 11.79 18.47 1.69
N VAL B 62 13.10 18.43 1.91
CA VAL B 62 13.88 17.22 1.76
C VAL B 62 14.42 16.86 3.15
N MET B 63 14.43 15.57 3.48
CA MET B 63 14.89 15.18 4.82
C MET B 63 16.40 15.28 4.88
N LYS B 64 16.92 15.84 5.99
CA LYS B 64 18.34 16.01 6.22
C LYS B 64 19.13 14.70 6.23
N PRO B 65 20.33 14.70 5.60
CA PRO B 65 21.20 13.51 5.62
C PRO B 65 21.80 13.20 6.99
N THR B 66 22.08 14.23 7.81
CA THR B 66 22.80 14.02 9.07
C THR B 66 22.01 13.12 10.01
N VAL B 67 20.75 13.45 10.23
CA VAL B 67 19.92 12.71 11.18
C VAL B 67 19.72 11.26 10.77
N TRP B 68 19.46 11.03 9.48
CA TRP B 68 19.29 9.68 8.96
C TRP B 68 20.59 8.90 9.09
N GLY B 69 21.71 9.60 8.94
CA GLY B 69 23.02 9.00 9.06
C GLY B 69 23.27 8.40 10.42
N ASP B 70 22.94 9.16 11.47
CA ASP B 70 23.14 8.68 12.83
C ASP B 70 22.19 7.52 13.17
N ALA B 71 20.96 7.60 12.68
CA ALA B 71 19.98 6.55 12.96
C ALA B 71 20.42 5.20 12.37
N LEU B 72 20.83 5.21 11.11
CA LEU B 72 21.18 3.97 10.41
C LEU B 72 22.53 3.44 10.82
N ASP B 73 23.42 4.34 11.26
CA ASP B 73 24.69 3.92 11.85
C ASP B 73 24.43 3.02 13.05
N GLU B 74 23.44 3.41 13.86
CA GLU B 74 23.15 2.70 15.10
C GLU B 74 22.33 1.42 14.86
N ILE B 75 21.48 1.43 13.84
CA ILE B 75 20.51 0.34 13.67
C ILE B 75 20.97 -0.75 12.70
N CYS B 76 21.78 -0.37 11.71
CA CYS B 76 22.14 -1.29 10.61
C CYS B 76 23.52 -1.95 10.81
N THR B 77 23.65 -3.17 10.29
CA THR B 77 24.96 -3.83 10.12
C THR B 77 25.19 -4.10 8.63
N SER B 78 26.35 -4.67 8.29
CA SER B 78 26.64 -5.00 6.90
C SER B 78 25.70 -6.09 6.36
N GLU B 79 24.98 -6.76 7.28
CA GLU B 79 24.09 -7.87 6.94
C GLU B 79 22.67 -7.38 6.62
N THR B 80 22.42 -6.12 6.97
CA THR B 80 21.09 -5.54 6.85
C THR B 80 20.66 -5.36 5.38
N LEU B 81 19.40 -5.63 5.12
CA LEU B 81 18.76 -5.21 3.87
C LEU B 81 17.95 -3.96 4.19
N LEU B 82 18.44 -2.82 3.69
CA LEU B 82 17.78 -1.53 3.90
C LEU B 82 16.72 -1.27 2.83
N VAL B 83 15.46 -1.21 3.27
CA VAL B 83 14.33 -0.99 2.39
C VAL B 83 13.85 0.48 2.44
N VAL B 84 13.74 1.12 1.28
CA VAL B 84 13.33 2.53 1.23
C VAL B 84 12.18 2.74 0.25
N PRO B 85 10.93 2.84 0.75
CA PRO B 85 9.81 3.12 -0.15
C PRO B 85 9.93 4.50 -0.83
N THR B 86 9.55 4.57 -2.10
CA THR B 86 9.60 5.80 -2.89
C THR B 86 8.89 5.62 -4.25
N PRO B 87 8.19 6.67 -4.72
CA PRO B 87 7.55 6.57 -6.03
C PRO B 87 8.57 6.29 -7.16
N ALA B 88 9.83 6.62 -6.92
CA ALA B 88 10.89 6.47 -7.91
C ALA B 88 11.65 5.13 -7.83
N GLY B 89 11.17 4.18 -7.02
CA GLY B 89 11.93 2.94 -6.78
C GLY B 89 11.81 1.88 -7.86
N TYR B 90 12.65 0.85 -7.77
CA TYR B 90 12.40 -0.39 -8.52
C TYR B 90 11.07 -0.99 -8.03
N PRO B 91 10.36 -1.73 -8.90
CA PRO B 91 9.07 -2.30 -8.49
C PRO B 91 9.16 -3.39 -7.40
N PHE B 92 8.33 -3.26 -6.36
CA PHE B 92 8.17 -4.31 -5.35
C PHE B 92 7.08 -5.26 -5.84
N THR B 93 7.42 -6.52 -6.08
CA THR B 93 6.44 -7.50 -6.57
C THR B 93 6.36 -8.73 -5.67
N GLN B 94 5.55 -9.71 -6.06
CA GLN B 94 5.42 -10.93 -5.27
C GLN B 94 6.76 -11.70 -5.23
N GLU B 95 7.53 -11.66 -6.32
CA GLU B 95 8.88 -12.25 -6.32
C GLU B 95 9.73 -11.60 -5.24
N THR B 96 9.69 -10.27 -5.19
CA THR B 96 10.39 -9.52 -4.15
C THR B 96 9.96 -9.96 -2.74
N ALA B 97 8.66 -10.13 -2.50
CA ALA B 97 8.16 -10.59 -1.20
C ALA B 97 8.74 -11.96 -0.82
N TRP B 98 8.69 -12.90 -1.76
CA TRP B 98 9.24 -14.25 -1.51
C TRP B 98 10.73 -14.16 -1.13
N GLN B 99 11.46 -13.29 -1.82
CA GLN B 99 12.89 -13.17 -1.60
C GLN B 99 13.16 -12.59 -0.21
N TRP B 100 12.46 -11.51 0.14
CA TRP B 100 12.72 -10.86 1.42
C TRP B 100 12.25 -11.71 2.60
N SER B 101 11.31 -12.62 2.36
CA SER B 101 10.80 -13.51 3.41
C SER B 101 11.87 -14.48 3.97
N THR B 102 13.02 -14.59 3.33
CA THR B 102 14.10 -15.42 3.87
C THR B 102 15.19 -14.60 4.55
N GLU B 103 15.04 -13.27 4.53
CA GLU B 103 16.04 -12.37 5.13
C GLU B 103 16.04 -12.41 6.66
N ASP B 104 17.23 -12.22 7.24
CA ASP B 104 17.42 -12.18 8.69
C ASP B 104 17.07 -10.84 9.33
N HIS B 105 17.33 -9.76 8.60
CA HIS B 105 17.17 -8.43 9.17
C HIS B 105 16.79 -7.40 8.09
N LEU B 106 15.55 -6.93 8.15
CA LEU B 106 15.07 -5.85 7.30
C LEU B 106 14.98 -4.54 8.08
N VAL B 107 15.50 -3.46 7.52
CA VAL B 107 15.28 -2.13 8.07
C VAL B 107 14.50 -1.28 7.05
N ILE B 108 13.38 -0.70 7.48
CA ILE B 108 12.55 0.09 6.57
C ILE B 108 12.59 1.57 6.94
N ALA B 109 13.18 2.36 6.06
CA ALA B 109 13.33 3.80 6.27
C ALA B 109 12.17 4.55 5.64
N CYS B 110 11.29 5.08 6.47
CA CYS B 110 10.14 5.87 6.02
C CYS B 110 10.45 7.37 5.94
N GLY B 111 10.27 7.96 4.75
CA GLY B 111 10.59 9.36 4.55
C GLY B 111 9.53 10.03 3.68
N ARG B 112 9.51 11.37 3.65
CA ARG B 112 8.51 12.09 2.87
C ARG B 112 8.72 11.91 1.35
N TYR B 113 7.66 12.09 0.57
CA TYR B 113 7.70 11.73 -0.86
C TYR B 113 8.70 12.56 -1.69
N GLU B 114 8.99 13.78 -1.26
CA GLU B 114 10.00 14.62 -1.95
C GLU B 114 11.38 14.01 -1.81
N GLY B 115 11.54 13.11 -0.83
CA GLY B 115 12.74 12.32 -0.73
C GLY B 115 13.56 12.55 0.53
N ILE B 116 14.32 11.52 0.88
CA ILE B 116 15.45 11.66 1.78
C ILE B 116 16.63 12.06 0.90
N ASP B 117 17.47 12.99 1.39
CA ASP B 117 18.70 13.39 0.69
C ASP B 117 19.41 12.14 0.09
N GLN B 118 19.68 12.16 -1.22
CA GLN B 118 20.16 10.96 -1.93
C GLN B 118 21.46 10.40 -1.36
N ARG B 119 22.27 11.25 -0.73
CA ARG B 119 23.55 10.82 -0.18
C ARG B 119 23.40 9.79 0.93
N VAL B 120 22.22 9.72 1.56
CA VAL B 120 21.97 8.74 2.60
C VAL B 120 22.00 7.32 2.04
N ALA B 121 21.20 7.09 0.99
CA ALA B 121 21.16 5.79 0.33
C ALA B 121 22.50 5.45 -0.32
N ASP B 122 23.15 6.45 -0.91
CA ASP B 122 24.49 6.28 -1.51
C ASP B 122 25.53 5.86 -0.47
N ASP B 123 25.54 6.53 0.68
CA ASP B 123 26.41 6.14 1.79
C ASP B 123 26.12 4.73 2.31
N ALA B 124 24.85 4.45 2.63
CA ALA B 124 24.45 3.14 3.13
C ALA B 124 24.91 1.98 2.23
N ALA B 125 24.88 2.23 0.92
CA ALA B 125 25.24 1.21 -0.07
C ALA B 125 26.71 0.80 0.00
N THR B 126 27.54 1.57 0.69
CA THR B 126 28.95 1.19 0.84
C THR B 126 29.13 0.12 1.92
N ARG B 127 28.08 -0.10 2.73
CA ARG B 127 28.19 -1.04 3.85
C ARG B 127 27.17 -2.18 3.82
N MET B 128 26.05 -1.96 3.15
CA MET B 128 24.98 -2.95 3.11
C MET B 128 24.24 -2.91 1.78
N ARG B 129 23.40 -3.92 1.56
CA ARG B 129 22.51 -3.97 0.41
C ARG B 129 21.36 -2.97 0.58
N VAL B 130 21.15 -2.11 -0.41
CA VAL B 130 20.07 -1.12 -0.36
C VAL B 130 19.04 -1.38 -1.48
N ARG B 131 17.76 -1.33 -1.12
CA ARG B 131 16.68 -1.50 -2.08
C ARG B 131 15.61 -0.38 -2.00
N GLU B 132 15.68 0.58 -2.91
CA GLU B 132 14.64 1.60 -3.01
C GLU B 132 13.55 1.03 -3.92
N VAL B 133 12.30 1.04 -3.43
CA VAL B 133 11.22 0.33 -4.13
C VAL B 133 9.90 1.08 -4.12
N SER B 134 9.11 0.88 -5.19
CA SER B 134 7.75 1.39 -5.29
CA SER B 134 7.75 1.39 -5.24
C SER B 134 6.73 0.25 -5.17
N ILE B 135 5.67 0.45 -4.39
CA ILE B 135 4.59 -0.54 -4.31
C ILE B 135 3.48 -0.25 -5.32
N GLY B 136 3.67 0.78 -6.14
CA GLY B 136 2.65 1.15 -7.12
C GLY B 136 2.72 2.60 -7.56
N ASP B 137 2.08 2.88 -8.69
CA ASP B 137 2.16 4.20 -9.30
C ASP B 137 1.07 5.19 -8.83
N TYR B 138 1.22 5.63 -7.57
CA TYR B 138 0.42 6.70 -6.97
C TYR B 138 1.32 7.41 -5.97
N VAL B 139 0.89 8.55 -5.46
CA VAL B 139 1.73 9.27 -4.51
C VAL B 139 1.13 9.26 -3.09
N LEU B 140 1.97 8.89 -2.13
CA LEU B 140 1.68 8.97 -0.69
C LEU B 140 2.48 10.11 -0.08
N ASN B 141 2.00 10.73 1.00
CA ASN B 141 2.76 11.82 1.60
C ASN B 141 4.09 11.38 2.22
N GLY B 142 4.10 10.17 2.77
CA GLY B 142 5.31 9.59 3.34
C GLY B 142 5.34 8.08 3.11
N GLY B 143 6.47 7.44 3.40
CA GLY B 143 6.61 6.00 3.15
C GLY B 143 5.86 5.06 4.10
N GLU B 144 5.23 5.64 5.13
CA GLU B 144 4.63 4.86 6.20
C GLU B 144 3.63 3.78 5.73
N ALA B 145 2.63 4.18 4.94
CA ALA B 145 1.62 3.22 4.49
C ALA B 145 2.22 2.13 3.59
N ALA B 146 3.21 2.51 2.79
CA ALA B 146 3.93 1.53 1.95
C ALA B 146 4.74 0.53 2.79
N ALA B 147 5.33 0.99 3.90
CA ALA B 147 5.98 0.06 4.83
C ALA B 147 4.99 -1.02 5.35
N LEU B 148 3.76 -0.62 5.66
CA LEU B 148 2.76 -1.57 6.20
C LEU B 148 2.35 -2.61 5.16
N VAL B 149 2.25 -2.20 3.90
CA VAL B 149 1.98 -3.13 2.81
C VAL B 149 3.12 -4.16 2.59
N ILE B 150 4.36 -3.68 2.61
CA ILE B 150 5.52 -4.56 2.46
C ILE B 150 5.60 -5.59 3.60
N ILE B 151 5.36 -5.13 4.82
CA ILE B 151 5.40 -6.02 5.97
C ILE B 151 4.31 -7.11 5.85
N GLU B 152 3.09 -6.74 5.46
CA GLU B 152 2.04 -7.73 5.22
C GLU B 152 2.43 -8.74 4.12
N ALA B 153 2.90 -8.24 2.99
CA ALA B 153 3.21 -9.13 1.85
C ALA B 153 4.32 -10.14 2.19
N VAL B 154 5.30 -9.66 2.95
CA VAL B 154 6.44 -10.50 3.30
C VAL B 154 6.13 -11.51 4.41
N LEU B 155 5.46 -11.06 5.47
CA LEU B 155 5.33 -11.92 6.66
C LEU B 155 4.41 -13.10 6.42
N ARG B 156 3.44 -12.98 5.53
CA ARG B 156 2.55 -14.12 5.30
C ARG B 156 3.26 -15.27 4.56
N LEU B 157 4.46 -15.01 4.03
CA LEU B 157 5.23 -16.03 3.31
C LEU B 157 6.27 -16.71 4.20
N VAL B 158 6.49 -16.16 5.40
CA VAL B 158 7.49 -16.72 6.31
C VAL B 158 7.08 -18.13 6.77
N PRO B 159 8.02 -19.09 6.74
CA PRO B 159 7.67 -20.46 7.18
C PRO B 159 7.10 -20.49 8.61
N GLY B 160 5.90 -21.04 8.75
CA GLY B 160 5.30 -21.18 10.06
C GLY B 160 4.19 -20.19 10.40
N VAL B 161 4.05 -19.11 9.61
CA VAL B 161 3.05 -18.07 9.93
C VAL B 161 1.61 -18.42 9.49
N SER B 179 0.68 -13.68 -13.74
CA SER B 179 0.17 -14.80 -14.54
C SER B 179 -1.20 -14.46 -15.09
N LEU B 180 -2.19 -14.51 -14.19
CA LEU B 180 -3.58 -14.51 -14.57
C LEU B 180 -4.39 -14.08 -13.33
N LEU B 181 -5.48 -13.34 -13.51
CA LEU B 181 -6.30 -12.95 -12.35
C LEU B 181 -7.22 -14.06 -11.89
N GLU B 182 -7.49 -14.10 -10.58
CA GLU B 182 -8.49 -15.02 -10.04
C GLU B 182 -9.90 -14.57 -10.44
N GLY B 183 -10.72 -15.54 -10.85
CA GLY B 183 -12.10 -15.27 -11.23
C GLY B 183 -13.01 -15.17 -10.01
N PRO B 184 -14.33 -15.09 -10.23
CA PRO B 184 -15.25 -14.93 -9.10
C PRO B 184 -15.34 -16.16 -8.19
N SER B 185 -15.67 -15.95 -6.91
CA SER B 185 -15.89 -17.05 -5.99
C SER B 185 -17.24 -16.90 -5.26
N TYR B 186 -17.74 -18.02 -4.75
CA TYR B 186 -19.09 -18.12 -4.24
C TYR B 186 -19.18 -19.03 -3.01
N THR B 187 -20.10 -18.72 -2.09
CA THR B 187 -20.42 -19.61 -0.96
C THR B 187 -21.94 -19.65 -0.70
N ARG B 188 -22.36 -20.33 0.37
CA ARG B 188 -23.77 -20.53 0.66
C ARG B 188 -24.48 -19.22 1.05
N PRO B 189 -25.79 -19.10 0.75
CA PRO B 189 -26.70 -20.06 0.12
C PRO B 189 -26.59 -20.07 -1.41
N PRO B 190 -27.08 -21.15 -2.06
CA PRO B 190 -26.90 -21.30 -3.52
C PRO B 190 -27.72 -20.28 -4.32
N SER B 191 -28.78 -19.72 -3.73
CA SER B 191 -29.49 -18.59 -4.36
C SER B 191 -29.64 -17.45 -3.34
N TRP B 192 -29.39 -16.21 -3.79
CA TRP B 192 -29.44 -15.04 -2.90
C TRP B 192 -29.94 -13.79 -3.65
N ARG B 193 -31.03 -13.21 -3.15
CA ARG B 193 -31.70 -12.06 -3.76
C ARG B 193 -32.01 -12.27 -5.23
N GLY B 194 -32.42 -13.48 -5.58
CA GLY B 194 -32.73 -13.83 -6.95
C GLY B 194 -31.52 -14.10 -7.85
N MET B 195 -30.34 -14.21 -7.25
CA MET B 195 -29.08 -14.49 -7.97
C MET B 195 -28.51 -15.87 -7.63
N ASP B 196 -28.35 -16.74 -8.63
CA ASP B 196 -27.85 -18.09 -8.38
C ASP B 196 -26.34 -18.24 -8.58
N VAL B 197 -25.74 -19.13 -7.80
CA VAL B 197 -24.36 -19.55 -8.01
C VAL B 197 -24.30 -20.33 -9.32
N PRO B 198 -23.29 -20.06 -10.17
CA PRO B 198 -23.06 -20.83 -11.40
C PRO B 198 -23.14 -22.33 -11.15
N PRO B 199 -24.11 -23.00 -11.80
CA PRO B 199 -24.41 -24.41 -11.50
C PRO B 199 -23.22 -25.37 -11.62
N VAL B 200 -22.20 -25.07 -12.43
CA VAL B 200 -21.08 -26.00 -12.59
C VAL B 200 -20.38 -26.17 -11.25
N LEU B 201 -20.31 -25.08 -10.48
CA LEU B 201 -19.72 -25.10 -9.14
C LEU B 201 -20.47 -26.01 -8.16
N LEU B 202 -21.73 -26.31 -8.48
CA LEU B 202 -22.58 -27.15 -7.64
C LEU B 202 -22.54 -28.62 -8.05
N SER B 203 -22.03 -28.90 -9.24
CA SER B 203 -22.11 -30.23 -9.85
C SER B 203 -21.14 -31.26 -9.24
N GLY B 204 -19.97 -30.81 -8.78
CA GLY B 204 -18.99 -31.71 -8.20
C GLY B 204 -18.02 -32.30 -9.21
N ASP B 205 -18.09 -31.84 -10.45
CA ASP B 205 -17.21 -32.33 -11.49
C ASP B 205 -15.91 -31.51 -11.52
N HIS B 206 -14.85 -32.10 -10.97
CA HIS B 206 -13.56 -31.41 -10.82
C HIS B 206 -13.04 -30.87 -12.15
N ALA B 207 -13.13 -31.68 -13.19
CA ALA B 207 -12.65 -31.30 -14.53
C ALA B 207 -13.45 -30.15 -15.13
N LYS B 208 -14.78 -30.22 -15.03
CA LYS B 208 -15.63 -29.14 -15.54
C LYS B 208 -15.45 -27.83 -14.76
N ILE B 209 -15.35 -27.94 -13.44
CA ILE B 209 -15.12 -26.79 -12.58
C ILE B 209 -13.75 -26.15 -12.87
N ALA B 210 -12.72 -26.95 -13.13
CA ALA B 210 -11.39 -26.40 -13.48
C ALA B 210 -11.45 -25.63 -14.80
N ALA B 211 -12.12 -26.21 -15.79
CA ALA B 211 -12.35 -25.56 -17.08
C ALA B 211 -13.11 -24.23 -16.97
N TRP B 212 -14.21 -24.21 -16.24
CA TRP B 212 -15.02 -22.99 -16.13
C TRP B 212 -14.26 -21.88 -15.43
N ARG B 213 -13.46 -22.23 -14.42
CA ARG B 213 -12.66 -21.25 -13.70
C ARG B 213 -11.54 -20.70 -14.58
N ALA B 214 -10.95 -21.54 -15.41
CA ALA B 214 -9.90 -21.09 -16.33
C ALA B 214 -10.46 -20.07 -17.32
N GLU B 215 -11.61 -20.38 -17.90
CA GLU B 215 -12.28 -19.46 -18.83
C GLU B 215 -12.69 -18.15 -18.16
N GLN B 216 -13.15 -18.23 -16.91
CA GLN B 216 -13.51 -17.04 -16.17
C GLN B 216 -12.29 -16.17 -15.91
N SER B 217 -11.17 -16.80 -15.58
CA SER B 217 -9.92 -16.08 -15.36
C SER B 217 -9.42 -15.42 -16.66
N ARG B 218 -9.63 -16.08 -17.79
CA ARG B 218 -9.20 -15.51 -19.06
C ARG B 218 -9.93 -14.22 -19.37
N GLN B 219 -11.24 -14.20 -19.19
CA GLN B 219 -12.00 -13.04 -19.63
C GLN B 219 -11.79 -11.87 -18.68
N ARG B 220 -11.54 -12.17 -17.40
CA ARG B 220 -11.25 -11.15 -16.40
C ARG B 220 -9.88 -10.49 -16.64
N THR B 221 -8.89 -11.32 -16.96
CA THR B 221 -7.53 -10.82 -17.19
C THR B 221 -7.46 -9.95 -18.46
N ILE B 222 -8.07 -10.41 -19.55
CA ILE B 222 -8.15 -9.63 -20.78
C ILE B 222 -8.87 -8.28 -20.57
N GLU B 223 -9.97 -8.30 -19.82
CA GLU B 223 -10.72 -7.08 -19.54
C GLU B 223 -9.98 -6.11 -18.63
N ARG B 224 -9.48 -6.60 -17.50
CA ARG B 224 -8.90 -5.74 -16.47
C ARG B 224 -7.38 -5.56 -16.57
N ARG B 225 -6.65 -6.61 -17.00
CA ARG B 225 -5.18 -6.57 -16.97
C ARG B 225 -4.53 -7.20 -18.21
N PRO B 226 -4.78 -6.62 -19.40
CA PRO B 226 -4.27 -7.24 -20.64
C PRO B 226 -2.74 -7.29 -20.66
N ASP B 227 -2.11 -6.38 -19.91
CA ASP B 227 -0.66 -6.34 -19.78
C ASP B 227 -0.09 -7.68 -19.27
N LEU B 228 -0.83 -8.37 -18.42
CA LEU B 228 -0.33 -9.62 -17.84
C LEU B 228 -0.18 -10.72 -18.90
N LEU B 229 -0.96 -10.61 -19.97
CA LEU B 229 -0.96 -11.60 -21.04
C LEU B 229 -0.16 -11.14 -22.25
N GLY B 230 0.56 -10.03 -22.09
CA GLY B 230 1.49 -9.53 -23.11
C GLY B 230 0.85 -8.66 -24.17
N PHE B 231 -0.22 -7.94 -23.80
CA PHE B 231 -0.92 -7.05 -24.71
C PHE B 231 -0.80 -5.58 -24.26
N ASP B 232 -0.98 -4.66 -25.21
CA ASP B 232 -0.96 -3.23 -24.89
C ASP B 232 -2.01 -2.89 -23.81
N SER B 233 -1.66 -1.97 -22.92
CA SER B 233 -2.61 -1.47 -21.92
C SER B 233 -3.57 -0.47 -22.58
N PRO B 234 -4.74 -0.24 -21.96
CA PRO B 234 -5.73 0.70 -22.51
C PRO B 234 -5.17 2.06 -22.89
#